data_6IMP
#
_entry.id   6IMP
#
_cell.length_a   44.106
_cell.length_b   99.681
_cell.length_c   164.890
_cell.angle_alpha   90.00
_cell.angle_beta   90.00
_cell.angle_gamma   90.00
#
_symmetry.space_group_name_H-M   'P 21 21 21'
#
loop_
_entity.id
_entity.type
_entity.pdbx_description
1 polymer 'RTX toxin RtxA'
2 water water
#
_entity_poly.entity_id   1
_entity_poly.type   'polypeptide(L)'
_entity_poly.pdbx_seq_one_letter_code
;AMALSGNEKHKENVAIENDGTPPRDKESLSPLTRFLNNELYGEKDARRKIGEITQTLLDHAVENGESQKVTLKGEAGRLT
GYYHQGAASSEGETSATSGKVVLFLHGSGSSAEEQASEIRNHYQKQGIDMLAVNLRGYGESDGGPSEKGLYQDARTMFNY
LVNDKGIDPSNIIIHGYSMGGPIAADLARYAAQNGQAVSGLLLDRPMPSMTKAITAHEVANPAGIVGAIAKAVNGQFSVE
KNLKGLPKETPILLLTDNEGLGEEGEKLRAKLAIAGYNVTGEQTFYGHEASNRLMGQYADQIVSGLFNAEQAAVEAGEVL
KGL
;
_entity_poly.pdbx_strand_id   A,B
#
# COMPACT_ATOMS: atom_id res chain seq x y z
N LYS A 11 2.16 -0.95 -18.78
CA LYS A 11 1.76 -1.42 -20.10
C LYS A 11 2.84 -2.28 -20.73
N GLU A 12 3.85 -2.61 -19.94
CA GLU A 12 4.95 -3.41 -20.45
C GLU A 12 4.80 -4.91 -20.26
N ASN A 13 3.63 -5.49 -20.52
CA ASN A 13 3.58 -6.94 -20.32
C ASN A 13 4.14 -7.68 -21.56
N VAL A 14 5.46 -7.90 -21.54
CA VAL A 14 6.23 -8.34 -22.72
C VAL A 14 7.23 -9.46 -22.34
N ALA A 15 7.35 -10.46 -23.22
CA ALA A 15 8.23 -11.63 -23.03
C ALA A 15 9.71 -11.45 -22.54
N ILE A 16 10.03 -12.21 -21.46
CA ILE A 16 11.00 -11.86 -20.39
C ILE A 16 12.14 -12.86 -20.05
N GLU A 17 12.35 -13.90 -20.88
CA GLU A 17 13.54 -14.78 -20.73
C GLU A 17 14.80 -14.06 -21.23
N ASN A 18 15.97 -14.58 -20.87
CA ASN A 18 17.24 -13.86 -20.98
C ASN A 18 18.37 -14.90 -21.06
N ASP A 19 19.61 -14.45 -21.14
CA ASP A 19 20.74 -15.34 -21.32
C ASP A 19 21.65 -15.37 -20.11
N GLY A 20 21.91 -16.53 -19.54
CA GLY A 20 22.82 -16.57 -18.41
C GLY A 20 24.19 -16.17 -18.90
N THR A 21 24.81 -15.21 -18.23
CA THR A 21 26.22 -14.94 -18.44
C THR A 21 26.91 -14.51 -17.17
N PRO A 22 27.81 -15.39 -16.63
CA PRO A 22 27.79 -15.47 -15.16
C PRO A 22 28.58 -14.34 -14.53
N PRO A 23 29.01 -14.42 -13.21
CA PRO A 23 28.20 -15.21 -12.28
C PRO A 23 27.56 -14.31 -11.25
N ARG A 24 26.73 -14.86 -10.38
CA ARG A 24 25.71 -14.07 -9.72
C ARG A 24 26.27 -13.12 -8.69
N ASP A 25 25.71 -11.90 -8.64
CA ASP A 25 26.22 -10.84 -7.78
C ASP A 25 25.31 -10.51 -6.59
N LYS A 26 25.90 -9.83 -5.62
CA LYS A 26 25.23 -9.48 -4.37
C LYS A 26 25.88 -8.21 -3.81
N GLU A 27 25.38 -7.72 -2.67
CA GLU A 27 25.94 -6.52 -2.02
C GLU A 27 26.26 -6.70 -0.53
N SER A 28 27.09 -5.80 -0.02
CA SER A 28 27.53 -5.84 1.38
C SER A 28 27.49 -4.41 1.98
N LEU A 29 26.75 -4.28 3.08
CA LEU A 29 25.74 -3.24 3.18
C LEU A 29 25.93 -2.33 4.41
N SER A 30 25.36 -2.74 5.54
CA SER A 30 25.61 -2.12 6.84
C SER A 30 25.51 -3.21 7.88
N PRO A 31 26.25 -3.08 9.00
CA PRO A 31 26.35 -4.22 9.91
C PRO A 31 25.02 -4.75 10.41
N LEU A 32 24.05 -3.86 10.64
CA LEU A 32 22.80 -4.26 11.26
C LEU A 32 21.82 -4.89 10.28
N THR A 33 21.74 -4.36 9.07
CA THR A 33 20.91 -4.97 8.05
C THR A 33 21.50 -6.31 7.60
N ARG A 34 22.82 -6.48 7.75
CA ARG A 34 23.46 -7.81 7.66
C ARG A 34 22.92 -8.78 8.74
N PHE A 35 22.85 -8.31 9.99
CA PHE A 35 22.19 -9.06 11.07
C PHE A 35 20.74 -9.39 10.71
N LEU A 36 19.98 -8.37 10.36
CA LEU A 36 18.57 -8.55 10.08
C LEU A 36 18.36 -9.55 8.94
N ASN A 37 19.04 -9.34 7.82
CA ASN A 37 18.75 -10.10 6.60
C ASN A 37 19.02 -11.59 6.80
N ASN A 38 20.13 -11.90 7.47
CA ASN A 38 20.42 -13.25 7.96
C ASN A 38 19.24 -13.87 8.73
N GLU A 39 18.70 -13.10 9.65
CA GLU A 39 17.58 -13.58 10.48
C GLU A 39 16.35 -13.82 9.61
N LEU A 40 15.93 -12.80 8.89
CA LEU A 40 14.70 -12.87 8.09
C LEU A 40 14.77 -13.82 6.88
N TYR A 41 15.90 -13.80 6.18
CA TYR A 41 16.01 -14.42 4.85
C TYR A 41 16.98 -15.59 4.78
N GLY A 42 17.86 -15.66 5.77
CA GLY A 42 18.91 -16.68 5.81
C GLY A 42 20.24 -16.16 5.32
N GLU A 43 21.27 -16.94 5.54
CA GLU A 43 22.62 -16.50 5.22
C GLU A 43 22.84 -16.69 3.74
N LYS A 44 23.59 -15.79 3.11
CA LYS A 44 23.85 -15.88 1.70
C LYS A 44 24.28 -17.30 1.27
N ASP A 45 25.20 -17.92 2.03
CA ASP A 45 25.70 -19.25 1.65
C ASP A 45 24.55 -20.27 1.63
N ALA A 46 23.83 -20.35 2.75
CA ALA A 46 22.53 -21.05 2.84
C ALA A 46 21.53 -20.72 1.74
N ARG A 47 21.42 -19.44 1.42
CA ARG A 47 20.43 -18.96 0.45
C ARG A 47 20.74 -19.44 -0.96
N ARG A 48 22.03 -19.53 -1.26
CA ARG A 48 22.47 -19.80 -2.62
C ARG A 48 22.84 -21.27 -2.84
N LYS A 49 23.13 -22.00 -1.75
CA LYS A 49 23.62 -23.37 -1.83
C LYS A 49 22.67 -24.31 -2.57
N ILE A 50 23.25 -25.13 -3.44
CA ILE A 50 22.52 -26.21 -4.12
C ILE A 50 23.28 -27.52 -3.92
N GLY A 51 22.71 -28.42 -3.12
CA GLY A 51 23.36 -29.66 -2.73
C GLY A 51 23.72 -30.54 -3.91
N GLU A 52 24.68 -31.44 -3.68
CA GLU A 52 25.23 -32.24 -4.77
C GLU A 52 24.18 -33.18 -5.37
N ILE A 53 23.44 -33.86 -4.49
CA ILE A 53 22.39 -34.76 -4.92
C ILE A 53 21.30 -33.99 -5.68
N THR A 54 20.90 -32.86 -5.11
CA THR A 54 19.87 -32.03 -5.70
C THR A 54 20.25 -31.65 -7.12
N GLN A 55 21.52 -31.30 -7.31
CA GLN A 55 22.02 -30.84 -8.60
C GLN A 55 22.00 -32.00 -9.60
N THR A 56 22.57 -33.14 -9.20
CA THR A 56 22.64 -34.33 -10.07
C THR A 56 21.23 -34.73 -10.55
N LEU A 57 20.28 -34.83 -9.63
CA LEU A 57 18.88 -35.08 -10.00
C LEU A 57 18.36 -34.09 -11.04
N LEU A 58 18.86 -32.85 -10.97
CA LEU A 58 18.47 -31.77 -11.89
C LEU A 58 19.18 -31.84 -13.22
N ASP A 59 20.47 -32.18 -13.19
CA ASP A 59 21.25 -32.42 -14.40
C ASP A 59 20.60 -33.53 -15.22
N HIS A 60 20.33 -34.65 -14.55
CA HIS A 60 19.59 -35.72 -15.16
C HIS A 60 18.30 -35.18 -15.80
N ALA A 61 17.49 -34.45 -15.03
CA ALA A 61 16.21 -33.96 -15.55
C ALA A 61 16.36 -33.23 -16.90
N VAL A 62 17.36 -32.35 -17.00
CA VAL A 62 17.60 -31.63 -18.26
C VAL A 62 17.99 -32.59 -19.40
N GLU A 63 18.81 -33.59 -19.09
CA GLU A 63 19.29 -34.56 -20.10
C GLU A 63 18.16 -35.43 -20.66
N ASN A 64 17.22 -35.83 -19.81
CA ASN A 64 15.98 -36.50 -20.26
C ASN A 64 14.99 -35.59 -21.01
N GLY A 65 15.23 -34.27 -21.00
CA GLY A 65 14.23 -33.30 -21.46
C GLY A 65 12.99 -33.27 -20.57
N GLU A 66 13.17 -33.62 -19.30
CA GLU A 66 12.14 -33.51 -18.28
C GLU A 66 12.03 -32.05 -17.80
N SER A 67 13.17 -31.37 -17.66
CA SER A 67 13.20 -29.99 -17.19
C SER A 67 14.26 -29.19 -17.95
N GLN A 68 14.03 -27.89 -18.12
CA GLN A 68 15.04 -26.98 -18.66
C GLN A 68 15.37 -25.84 -17.70
N LYS A 69 16.67 -25.54 -17.57
CA LYS A 69 17.13 -24.29 -16.93
C LYS A 69 16.45 -23.08 -17.53
N VAL A 70 16.20 -22.06 -16.70
CA VAL A 70 15.52 -20.83 -17.14
C VAL A 70 16.09 -19.60 -16.40
N THR A 71 16.49 -18.59 -17.17
CA THR A 71 16.92 -17.29 -16.63
C THR A 71 15.95 -16.22 -17.10
N LEU A 72 15.54 -15.35 -16.18
CA LEU A 72 14.56 -14.30 -16.47
C LEU A 72 15.18 -12.93 -16.24
N LYS A 73 14.66 -11.91 -16.93
CA LYS A 73 15.06 -10.51 -16.69
C LYS A 73 14.31 -9.91 -15.50
N GLY A 74 14.88 -10.06 -14.32
CA GLY A 74 14.36 -9.40 -13.13
C GLY A 74 14.62 -7.90 -13.17
N GLU A 75 13.96 -7.18 -12.27
CA GLU A 75 14.11 -5.73 -12.21
C GLU A 75 15.45 -5.27 -11.58
N ALA A 76 16.08 -6.13 -10.78
CA ALA A 76 17.39 -5.81 -10.17
C ALA A 76 18.53 -6.65 -10.75
N GLY A 77 18.22 -7.53 -11.70
CA GLY A 77 19.19 -8.54 -12.13
C GLY A 77 18.51 -9.78 -12.67
N ARG A 78 19.23 -10.90 -12.70
CA ARG A 78 18.67 -12.13 -13.26
C ARG A 78 18.16 -13.13 -12.22
N LEU A 79 17.14 -13.88 -12.63
CA LEU A 79 16.39 -14.77 -11.74
C LEU A 79 16.47 -16.19 -12.28
N THR A 80 17.15 -17.06 -11.56
CA THR A 80 17.56 -18.34 -12.12
C THR A 80 16.83 -19.51 -11.48
N GLY A 81 16.41 -20.45 -12.33
CA GLY A 81 16.06 -21.79 -11.87
C GLY A 81 15.63 -22.69 -13.01
N TYR A 82 14.67 -23.55 -12.74
CA TYR A 82 14.18 -24.50 -13.75
C TYR A 82 12.69 -24.37 -14.00
N TYR A 83 12.31 -24.79 -15.20
CA TYR A 83 10.93 -25.14 -15.51
C TYR A 83 10.88 -26.65 -15.61
N HIS A 84 10.19 -27.29 -14.67
CA HIS A 84 9.97 -28.75 -14.73
C HIS A 84 8.59 -29.07 -15.33
N GLN A 85 8.52 -30.08 -16.21
CA GLN A 85 7.26 -30.42 -16.88
C GLN A 85 6.79 -31.87 -16.72
N GLY A 86 5.51 -32.08 -17.00
CA GLY A 86 4.88 -33.39 -16.89
C GLY A 86 5.22 -34.33 -18.02
N LYS A 100 -2.95 -26.81 -15.21
CA LYS A 100 -1.85 -27.20 -16.10
C LYS A 100 -0.46 -26.82 -15.54
N VAL A 101 -0.36 -25.66 -14.87
CA VAL A 101 0.95 -25.19 -14.34
C VAL A 101 0.95 -24.56 -12.93
N VAL A 102 1.93 -25.01 -12.12
CA VAL A 102 2.22 -24.38 -10.83
C VAL A 102 3.32 -23.32 -10.93
N LEU A 103 2.99 -22.14 -10.43
CA LEU A 103 4.00 -21.16 -10.07
C LEU A 103 4.44 -21.36 -8.62
N PHE A 104 5.55 -22.06 -8.45
CA PHE A 104 6.09 -22.29 -7.10
C PHE A 104 6.85 -21.08 -6.60
N LEU A 105 6.45 -20.57 -5.44
CA LEU A 105 7.26 -19.54 -4.77
C LEU A 105 7.93 -20.10 -3.55
N HIS A 106 9.23 -20.32 -3.64
CA HIS A 106 9.98 -20.78 -2.48
C HIS A 106 9.91 -19.78 -1.34
N GLY A 107 10.34 -20.20 -0.17
CA GLY A 107 10.41 -19.34 1.00
C GLY A 107 11.84 -19.16 1.48
N SER A 108 11.98 -19.03 2.79
CA SER A 108 13.21 -18.52 3.41
C SER A 108 14.21 -19.62 3.70
N GLY A 109 15.49 -19.27 3.68
CA GLY A 109 16.53 -20.06 4.32
C GLY A 109 17.33 -21.02 3.46
N SER A 110 16.96 -21.14 2.18
CA SER A 110 17.65 -22.08 1.27
C SER A 110 17.20 -21.83 -0.15
N SER A 111 18.01 -22.31 -1.10
CA SER A 111 17.71 -22.17 -2.54
C SER A 111 16.38 -22.79 -2.89
N ALA A 112 15.77 -22.28 -3.95
CA ALA A 112 14.53 -22.86 -4.47
C ALA A 112 14.76 -24.31 -4.93
N GLU A 113 15.95 -24.56 -5.45
CA GLU A 113 16.34 -25.90 -5.91
C GLU A 113 16.02 -26.93 -4.83
N GLU A 114 16.59 -26.69 -3.65
CA GLU A 114 16.37 -27.55 -2.50
C GLU A 114 14.90 -27.62 -2.15
N GLN A 115 14.25 -26.46 -2.08
CA GLN A 115 12.89 -26.39 -1.57
C GLN A 115 11.89 -27.03 -2.52
N ALA A 116 12.19 -27.01 -3.81
CA ALA A 116 11.28 -27.57 -4.82
C ALA A 116 11.49 -29.07 -5.00
N SER A 117 12.62 -29.59 -4.55
CA SER A 117 13.07 -30.94 -4.91
C SER A 117 12.13 -32.01 -4.36
N GLU A 118 11.78 -31.88 -3.09
CA GLU A 118 10.76 -32.72 -2.49
C GLU A 118 9.34 -32.45 -3.04
N ILE A 119 9.13 -31.33 -3.74
CA ILE A 119 7.77 -30.92 -4.16
C ILE A 119 7.46 -31.15 -5.65
N ARG A 120 8.45 -31.00 -6.52
CA ARG A 120 8.17 -30.95 -7.96
C ARG A 120 7.61 -32.28 -8.47
N ASN A 121 8.22 -33.37 -8.02
CA ASN A 121 7.85 -34.71 -8.45
C ASN A 121 6.35 -34.94 -8.34
N HIS A 122 5.79 -34.57 -7.19
CA HIS A 122 4.38 -34.86 -6.86
C HIS A 122 3.41 -34.22 -7.87
N TYR A 123 3.78 -33.05 -8.41
CA TYR A 123 2.96 -32.39 -9.45
C TYR A 123 3.22 -33.00 -10.83
N GLN A 124 4.50 -33.19 -11.16
CA GLN A 124 4.90 -33.71 -12.48
C GLN A 124 4.24 -35.07 -12.80
N LYS A 125 4.29 -35.99 -11.82
CA LYS A 125 3.57 -37.29 -11.87
C LYS A 125 2.12 -37.29 -12.34
N GLN A 126 1.45 -36.17 -12.13
CA GLN A 126 0.08 -36.01 -12.59
C GLN A 126 0.06 -35.11 -13.82
N GLY A 127 1.16 -35.13 -14.58
CA GLY A 127 1.32 -34.29 -15.76
C GLY A 127 0.94 -32.83 -15.56
N ILE A 128 1.54 -32.20 -14.53
CA ILE A 128 1.44 -30.76 -14.31
C ILE A 128 2.85 -30.15 -14.30
N ASP A 129 3.03 -29.03 -15.02
CA ASP A 129 4.34 -28.34 -15.07
C ASP A 129 4.50 -27.49 -13.82
N MET A 130 5.73 -27.39 -13.33
CA MET A 130 6.03 -26.53 -12.19
C MET A 130 7.16 -25.57 -12.51
N LEU A 131 6.86 -24.26 -12.41
CA LEU A 131 7.90 -23.21 -12.50
C LEU A 131 8.55 -22.98 -11.14
N ALA A 132 9.88 -23.08 -11.11
CA ALA A 132 10.63 -23.03 -9.86
C ALA A 132 11.87 -22.15 -9.97
N VAL A 133 11.67 -20.87 -9.63
CA VAL A 133 12.67 -19.81 -9.83
C VAL A 133 13.02 -19.13 -8.50
N ASN A 134 14.32 -18.97 -8.27
CA ASN A 134 14.81 -18.22 -7.12
C ASN A 134 14.43 -16.74 -7.19
N LEU A 135 13.93 -16.23 -6.08
CA LEU A 135 13.84 -14.80 -5.85
C LEU A 135 15.24 -14.20 -5.77
N ARG A 136 15.35 -12.89 -5.95
CA ARG A 136 16.64 -12.22 -5.81
C ARG A 136 17.37 -12.64 -4.53
N GLY A 137 18.64 -12.97 -4.65
CA GLY A 137 19.50 -13.25 -3.49
C GLY A 137 19.50 -14.71 -3.09
N TYR A 138 18.72 -15.50 -3.81
CA TYR A 138 18.52 -16.90 -3.51
C TYR A 138 18.99 -17.72 -4.69
N GLY A 139 19.57 -18.88 -4.38
CA GLY A 139 20.20 -19.75 -5.38
C GLY A 139 21.22 -19.02 -6.23
N GLU A 140 20.92 -18.91 -7.53
CA GLU A 140 21.83 -18.28 -8.49
C GLU A 140 21.26 -16.94 -9.03
N SER A 141 20.21 -16.44 -8.40
CA SER A 141 19.59 -15.20 -8.84
C SER A 141 20.36 -14.01 -8.31
N ASP A 142 20.41 -12.93 -9.08
CA ASP A 142 21.18 -11.75 -8.68
C ASP A 142 20.47 -10.95 -7.63
N GLY A 143 21.25 -10.28 -6.81
CA GLY A 143 20.77 -9.21 -5.96
C GLY A 143 20.61 -9.64 -4.52
N GLY A 144 19.76 -8.93 -3.80
CA GLY A 144 19.68 -9.05 -2.36
C GLY A 144 18.26 -8.87 -1.87
N PRO A 145 17.81 -9.77 -1.00
CA PRO A 145 16.41 -9.87 -0.74
C PRO A 145 15.82 -8.65 -0.02
N SER A 146 14.52 -8.43 -0.23
CA SER A 146 13.74 -7.37 0.43
C SER A 146 12.23 -7.59 0.18
N GLU A 147 11.39 -7.14 1.10
CA GLU A 147 9.95 -7.37 0.97
C GLU A 147 9.44 -7.00 -0.44
N LYS A 148 9.78 -5.81 -0.89
CA LYS A 148 9.17 -5.28 -2.11
C LYS A 148 9.86 -5.84 -3.35
N GLY A 149 11.17 -6.05 -3.25
CA GLY A 149 11.89 -6.80 -4.28
C GLY A 149 11.30 -8.19 -4.56
N LEU A 150 11.02 -8.95 -3.51
CA LEU A 150 10.53 -10.32 -3.69
C LEU A 150 9.16 -10.35 -4.34
N TYR A 151 8.31 -9.38 -4.00
CA TYR A 151 6.99 -9.28 -4.63
C TYR A 151 7.11 -9.00 -6.11
N GLN A 152 8.07 -8.17 -6.46
CA GLN A 152 8.33 -7.84 -7.86
C GLN A 152 8.82 -9.07 -8.64
N ASP A 153 9.81 -9.75 -8.09
CA ASP A 153 10.35 -10.97 -8.68
C ASP A 153 9.24 -12.01 -8.91
N ALA A 154 8.25 -12.02 -8.03
CA ALA A 154 7.07 -12.86 -8.22
C ALA A 154 6.35 -12.56 -9.54
N ARG A 155 6.36 -11.29 -9.93
CA ARG A 155 5.60 -10.83 -11.09
C ARG A 155 6.37 -11.13 -12.37
N THR A 156 7.69 -10.99 -12.29
CA THR A 156 8.55 -11.43 -13.38
C THR A 156 8.20 -12.87 -13.68
N MET A 157 8.24 -13.69 -12.64
CA MET A 157 8.01 -15.12 -12.78
C MET A 157 6.63 -15.35 -13.36
N PHE A 158 5.64 -14.65 -12.86
CA PHE A 158 4.31 -14.73 -13.45
C PHE A 158 4.38 -14.43 -14.94
N ASN A 159 4.87 -13.24 -15.27
CA ASN A 159 4.87 -12.76 -16.64
C ASN A 159 5.57 -13.75 -17.56
N TYR A 160 6.63 -14.39 -17.07
CA TYR A 160 7.33 -15.43 -17.86
C TYR A 160 6.41 -16.59 -18.29
N LEU A 161 5.49 -16.97 -17.40
CA LEU A 161 4.52 -18.01 -17.71
C LEU A 161 3.56 -17.52 -18.76
N VAL A 162 2.89 -16.41 -18.45
CA VAL A 162 1.88 -15.81 -19.33
C VAL A 162 2.44 -15.50 -20.73
N ASN A 163 3.69 -15.02 -20.77
CA ASN A 163 4.22 -14.25 -21.91
C ASN A 163 5.26 -14.96 -22.77
N ASP A 164 6.20 -15.65 -22.14
CA ASP A 164 7.15 -16.47 -22.91
C ASP A 164 6.50 -17.80 -23.31
N LYS A 165 5.47 -18.21 -22.59
CA LYS A 165 4.85 -19.53 -22.81
C LYS A 165 3.32 -19.49 -23.04
N GLY A 166 2.76 -18.29 -23.19
CA GLY A 166 1.40 -18.11 -23.73
C GLY A 166 0.28 -18.60 -22.83
N ILE A 167 0.65 -18.96 -21.61
CA ILE A 167 -0.21 -19.76 -20.76
C ILE A 167 -1.34 -18.89 -20.26
N ASP A 168 -2.57 -19.33 -20.54
CA ASP A 168 -3.73 -18.64 -19.99
C ASP A 168 -3.66 -18.73 -18.47
N PRO A 169 -3.92 -17.61 -17.77
CA PRO A 169 -3.76 -17.60 -16.31
C PRO A 169 -4.65 -18.58 -15.54
N SER A 170 -5.79 -18.96 -16.12
CA SER A 170 -6.68 -19.92 -15.48
C SER A 170 -6.29 -21.39 -15.75
N ASN A 171 -5.04 -21.59 -16.17
CA ASN A 171 -4.38 -22.90 -16.04
C ASN A 171 -3.28 -22.89 -14.97
N ILE A 172 -3.14 -21.76 -14.27
CA ILE A 172 -2.05 -21.58 -13.30
C ILE A 172 -2.57 -21.64 -11.88
N ILE A 173 -1.75 -22.20 -10.99
CA ILE A 173 -1.92 -21.95 -9.55
C ILE A 173 -0.61 -21.47 -8.91
N ILE A 174 -0.76 -20.83 -7.76
CA ILE A 174 0.36 -20.25 -7.06
C ILE A 174 0.56 -21.06 -5.80
N HIS A 175 1.63 -21.84 -5.81
CA HIS A 175 2.05 -22.60 -4.65
C HIS A 175 3.00 -21.74 -3.87
N GLY A 176 2.49 -21.13 -2.82
CA GLY A 176 3.31 -20.27 -1.95
C GLY A 176 3.67 -21.00 -0.67
N TYR A 177 4.90 -21.52 -0.61
CA TYR A 177 5.38 -22.19 0.60
C TYR A 177 5.85 -21.06 1.49
N SER A 178 5.59 -21.18 2.79
CA SER A 178 6.32 -20.51 3.88
C SER A 178 6.33 -18.99 3.63
N MET A 179 7.49 -18.33 3.63
CA MET A 179 7.59 -16.90 3.21
C MET A 179 7.00 -16.69 1.82
N GLY A 180 7.11 -17.70 0.96
CA GLY A 180 6.36 -17.73 -0.30
C GLY A 180 4.87 -17.53 -0.12
N GLY A 181 4.32 -17.99 1.00
CA GLY A 181 2.91 -17.75 1.37
C GLY A 181 2.40 -16.34 1.12
N PRO A 182 2.85 -15.36 1.93
CA PRO A 182 2.46 -13.95 1.76
C PRO A 182 2.88 -13.35 0.42
N ILE A 183 4.03 -13.79 -0.12
CA ILE A 183 4.44 -13.32 -1.44
C ILE A 183 3.43 -13.74 -2.49
N ALA A 184 3.10 -15.03 -2.46
CA ALA A 184 2.11 -15.60 -3.36
C ALA A 184 0.78 -14.85 -3.25
N ALA A 185 0.44 -14.43 -2.04
CA ALA A 185 -0.77 -13.65 -1.84
C ALA A 185 -0.72 -12.34 -2.61
N ASP A 186 0.40 -11.62 -2.54
CA ASP A 186 0.53 -10.36 -3.29
C ASP A 186 0.45 -10.59 -4.82
N LEU A 187 1.10 -11.64 -5.31
CA LEU A 187 0.98 -11.98 -6.73
C LEU A 187 -0.48 -12.21 -7.07
N ALA A 188 -1.14 -13.05 -6.29
CA ALA A 188 -2.54 -13.39 -6.56
C ALA A 188 -3.35 -12.11 -6.75
N ARG A 189 -3.11 -11.13 -5.87
CA ARG A 189 -3.80 -9.84 -5.92
C ARG A 189 -3.51 -9.15 -7.25
N TYR A 190 -2.23 -8.85 -7.47
CA TYR A 190 -1.81 -8.18 -8.69
C TYR A 190 -2.40 -8.81 -9.97
N ALA A 191 -2.50 -10.14 -10.01
CA ALA A 191 -2.92 -10.83 -11.25
C ALA A 191 -4.39 -10.60 -11.57
N ALA A 192 -5.23 -10.65 -10.54
CA ALA A 192 -6.66 -10.40 -10.69
C ALA A 192 -6.92 -8.90 -10.87
N GLN A 193 -6.10 -8.12 -10.18
CA GLN A 193 -6.12 -6.66 -10.27
C GLN A 193 -5.62 -6.08 -11.60
N ASN A 194 -5.05 -6.95 -12.43
CA ASN A 194 -4.52 -6.56 -13.72
C ASN A 194 -5.18 -7.44 -14.77
N GLY A 195 -6.36 -7.94 -14.43
CA GLY A 195 -7.14 -8.84 -15.29
C GLY A 195 -6.36 -9.97 -15.92
N GLN A 196 -5.42 -10.54 -15.16
CA GLN A 196 -4.77 -11.79 -15.54
C GLN A 196 -4.95 -12.87 -14.45
N ALA A 197 -6.11 -12.85 -13.78
CA ALA A 197 -6.37 -13.71 -12.59
C ALA A 197 -6.02 -15.22 -12.72
N VAL A 198 -5.65 -15.81 -11.59
CA VAL A 198 -5.03 -17.14 -11.53
C VAL A 198 -6.11 -18.17 -11.14
N SER A 199 -5.92 -19.44 -11.50
CA SER A 199 -6.94 -20.46 -11.23
C SER A 199 -7.07 -20.79 -9.74
N GLY A 200 -6.03 -20.51 -8.98
CA GLY A 200 -6.14 -20.54 -7.52
C GLY A 200 -4.83 -20.42 -6.77
N LEU A 201 -4.94 -20.13 -5.49
CA LEU A 201 -3.81 -19.91 -4.62
C LEU A 201 -3.72 -21.02 -3.60
N LEU A 202 -2.55 -21.65 -3.49
CA LEU A 202 -2.23 -22.50 -2.35
C LEU A 202 -1.26 -21.80 -1.42
N LEU A 203 -1.73 -21.46 -0.23
CA LEU A 203 -0.86 -21.06 0.88
C LEU A 203 -0.33 -22.31 1.61
N ASP A 204 0.83 -22.80 1.16
CA ASP A 204 1.42 -24.02 1.70
C ASP A 204 2.23 -23.69 2.95
N ARG A 205 1.70 -24.04 4.12
CA ARG A 205 2.44 -23.85 5.39
C ARG A 205 2.98 -22.41 5.49
N PRO A 206 2.10 -21.42 5.29
CA PRO A 206 2.48 -20.03 5.14
C PRO A 206 3.19 -19.42 6.33
N MET A 207 3.90 -18.33 6.05
CA MET A 207 4.30 -17.35 7.05
C MET A 207 3.16 -16.35 7.08
N PRO A 208 2.43 -16.25 8.21
CA PRO A 208 1.28 -15.36 8.14
C PRO A 208 1.68 -13.93 8.21
N SER A 209 2.84 -13.71 8.82
CA SER A 209 3.45 -12.41 8.97
C SER A 209 4.87 -12.72 9.42
N MET A 210 5.81 -11.87 9.07
CA MET A 210 7.17 -12.08 9.53
C MET A 210 7.30 -11.99 11.04
N THR A 211 6.51 -11.13 11.67
CA THR A 211 6.60 -10.91 13.11
C THR A 211 6.23 -12.21 13.84
N LYS A 212 5.13 -12.80 13.38
CA LYS A 212 4.60 -14.02 13.94
C LYS A 212 5.47 -15.23 13.59
N ALA A 213 6.20 -15.13 12.49
CA ALA A 213 7.21 -16.11 12.16
C ALA A 213 8.44 -15.98 13.05
N ILE A 214 8.88 -14.74 13.28
CA ILE A 214 10.02 -14.47 14.17
C ILE A 214 9.68 -14.91 15.59
N THR A 215 8.45 -14.57 16.00
CA THR A 215 7.86 -15.02 17.27
C THR A 215 7.84 -16.54 17.49
N ALA A 216 7.45 -17.29 16.46
CA ALA A 216 7.31 -18.75 16.59
C ALA A 216 8.64 -19.42 16.89
N HIS A 217 9.70 -18.89 16.32
CA HIS A 217 11.06 -19.45 16.47
C HIS A 217 11.80 -18.90 17.71
N GLU A 218 11.13 -18.04 18.50
CA GLU A 218 11.62 -17.65 19.83
C GLU A 218 10.64 -18.09 20.92
N VAL A 219 10.99 -17.78 22.17
CA VAL A 219 10.39 -18.45 23.33
C VAL A 219 9.58 -17.50 24.20
N ALA A 220 8.34 -17.88 24.48
CA ALA A 220 7.62 -17.38 25.66
C ALA A 220 7.52 -15.84 25.61
N ASN A 221 7.82 -15.19 26.74
CA ASN A 221 8.07 -13.76 26.74
C ASN A 221 9.57 -13.53 26.89
N PRO A 222 10.30 -13.45 25.76
CA PRO A 222 11.75 -13.40 25.79
C PRO A 222 12.29 -11.98 25.87
N ALA A 223 13.61 -11.84 25.91
CA ALA A 223 14.27 -10.54 25.99
C ALA A 223 13.68 -9.59 24.95
N GLY A 224 13.17 -8.45 25.42
CA GLY A 224 12.38 -7.52 24.59
C GLY A 224 13.07 -7.10 23.31
N ILE A 225 14.39 -7.28 23.25
CA ILE A 225 15.15 -7.23 21.98
C ILE A 225 14.43 -7.98 20.84
N VAL A 226 13.95 -9.18 21.18
CA VAL A 226 13.15 -10.00 20.28
C VAL A 226 11.84 -9.30 20.00
N GLY A 227 11.21 -8.83 21.06
CA GLY A 227 9.94 -8.12 20.95
C GLY A 227 10.07 -6.85 20.15
N ALA A 228 11.25 -6.24 20.19
CA ALA A 228 11.50 -4.97 19.52
C ALA A 228 11.61 -5.21 18.02
N ILE A 229 12.41 -6.19 17.66
CA ILE A 229 12.60 -6.54 16.26
C ILE A 229 11.30 -7.10 15.67
N ALA A 230 10.63 -7.95 16.44
CA ALA A 230 9.32 -8.45 16.04
C ALA A 230 8.36 -7.30 15.76
N LYS A 231 8.31 -6.33 16.68
CA LYS A 231 7.48 -5.14 16.50
C LYS A 231 7.97 -4.28 15.34
N ALA A 232 9.28 -4.13 15.22
CA ALA A 232 9.87 -3.20 14.25
C ALA A 232 9.45 -3.52 12.82
N VAL A 233 8.90 -4.72 12.63
CA VAL A 233 8.76 -5.32 11.31
C VAL A 233 7.31 -5.74 11.01
N ASN A 234 6.38 -5.30 11.88
CA ASN A 234 4.93 -5.34 11.62
C ASN A 234 4.58 -4.88 10.21
N GLY A 235 3.61 -5.54 9.59
CA GLY A 235 3.15 -5.18 8.24
C GLY A 235 4.00 -5.73 7.09
N GLN A 236 5.07 -6.45 7.43
CA GLN A 236 5.90 -7.09 6.43
C GLN A 236 5.49 -8.56 6.23
N PHE A 237 5.25 -8.91 4.96
CA PHE A 237 4.84 -10.26 4.59
C PHE A 237 3.61 -10.73 5.37
N SER A 238 2.65 -9.83 5.58
CA SER A 238 1.35 -10.22 6.16
C SER A 238 0.46 -10.79 5.04
N VAL A 239 0.01 -12.03 5.22
CA VAL A 239 -0.88 -12.70 4.26
C VAL A 239 -2.19 -11.91 4.11
N GLU A 240 -2.79 -11.61 5.27
CA GLU A 240 -3.98 -10.76 5.38
C GLU A 240 -3.85 -9.47 4.58
N LYS A 241 -2.81 -8.69 4.90
CA LYS A 241 -2.55 -7.39 4.26
C LYS A 241 -2.33 -7.55 2.75
N ASN A 242 -1.51 -8.52 2.36
CA ASN A 242 -1.24 -8.79 0.96
C ASN A 242 -2.46 -9.37 0.19
N LEU A 243 -3.49 -9.81 0.91
CA LEU A 243 -4.68 -10.42 0.27
C LEU A 243 -5.77 -9.41 -0.03
N LYS A 244 -5.74 -8.27 0.67
CA LYS A 244 -6.80 -7.24 0.59
C LYS A 244 -6.94 -6.72 -0.83
N GLY A 245 -8.11 -6.94 -1.43
CA GLY A 245 -8.39 -6.44 -2.75
C GLY A 245 -8.28 -7.57 -3.74
N LEU A 246 -7.97 -8.76 -3.22
CA LEU A 246 -8.24 -9.98 -3.94
C LEU A 246 -9.76 -10.17 -3.94
N PRO A 247 -10.34 -10.46 -5.13
CA PRO A 247 -11.69 -11.01 -5.20
C PRO A 247 -11.91 -12.15 -4.19
N LYS A 248 -12.84 -11.96 -3.27
CA LYS A 248 -12.98 -12.84 -2.11
C LYS A 248 -13.59 -14.21 -2.44
N GLU A 249 -13.98 -14.38 -3.70
CA GLU A 249 -14.40 -15.68 -4.24
C GLU A 249 -13.25 -16.46 -4.88
N THR A 250 -12.01 -16.06 -4.60
CA THR A 250 -10.86 -16.72 -5.22
C THR A 250 -10.43 -17.93 -4.37
N PRO A 251 -10.26 -19.10 -5.03
CA PRO A 251 -9.84 -20.31 -4.32
C PRO A 251 -8.51 -20.17 -3.58
N ILE A 252 -8.58 -20.25 -2.26
CA ILE A 252 -7.41 -20.27 -1.40
C ILE A 252 -7.41 -21.57 -0.57
N LEU A 253 -6.70 -22.59 -1.03
CA LEU A 253 -6.38 -23.71 -0.14
C LEU A 253 -5.35 -23.25 0.86
N LEU A 254 -5.48 -23.72 2.09
CA LEU A 254 -4.55 -23.36 3.13
C LEU A 254 -4.20 -24.57 3.99
N LEU A 255 -3.00 -25.11 3.78
CA LEU A 255 -2.53 -26.23 4.58
C LEU A 255 -1.45 -25.78 5.54
N THR A 256 -1.73 -25.92 6.83
CA THR A 256 -0.80 -25.49 7.86
C THR A 256 -0.09 -26.66 8.52
N ASP A 257 1.08 -26.39 9.10
CA ASP A 257 1.91 -27.42 9.75
C ASP A 257 1.48 -27.61 11.21
N ASN A 258 2.07 -28.60 11.89
CA ASN A 258 1.62 -29.00 13.24
C ASN A 258 2.48 -28.39 14.35
N GLU A 259 3.32 -27.43 13.97
CA GLU A 259 4.27 -26.80 14.88
C GLU A 259 3.83 -25.35 15.07
N GLY A 260 4.55 -24.63 15.93
CA GLY A 260 4.19 -23.26 16.37
C GLY A 260 3.73 -22.30 15.27
N LEU A 261 4.45 -22.25 14.16
CA LEU A 261 4.04 -21.44 13.02
C LEU A 261 2.61 -21.78 12.56
N GLY A 262 2.30 -23.06 12.50
CA GLY A 262 1.05 -23.55 11.91
C GLY A 262 -0.19 -23.24 12.73
N GLU A 263 -0.02 -23.04 14.02
CA GLU A 263 -1.09 -22.49 14.87
C GLU A 263 -1.52 -21.12 14.37
N GLU A 264 -0.56 -20.21 14.28
CA GLU A 264 -0.80 -18.85 13.81
C GLU A 264 -1.55 -18.88 12.50
N GLY A 265 -1.20 -19.86 11.66
CA GLY A 265 -1.92 -20.13 10.43
C GLY A 265 -3.39 -20.43 10.64
N GLU A 266 -3.70 -21.17 11.70
CA GLU A 266 -5.08 -21.52 12.00
C GLU A 266 -5.89 -20.33 12.48
N LYS A 267 -5.24 -19.40 13.18
CA LYS A 267 -5.87 -18.13 13.54
C LYS A 267 -6.12 -17.31 12.26
N LEU A 268 -5.07 -17.20 11.45
CA LEU A 268 -5.20 -16.61 10.12
C LEU A 268 -6.38 -17.20 9.39
N ARG A 269 -6.43 -18.54 9.34
CA ARG A 269 -7.54 -19.26 8.69
C ARG A 269 -8.88 -18.71 9.14
N ALA A 270 -9.06 -18.59 10.44
CA ALA A 270 -10.27 -18.01 11.01
C ALA A 270 -10.51 -16.62 10.40
N LYS A 271 -9.64 -15.67 10.68
CA LYS A 271 -9.76 -14.30 10.14
C LYS A 271 -10.18 -14.28 8.66
N LEU A 272 -9.73 -15.27 7.89
CA LEU A 272 -9.93 -15.25 6.44
C LEU A 272 -11.34 -15.74 6.05
N ALA A 273 -11.79 -16.83 6.68
CA ALA A 273 -13.19 -17.29 6.52
C ALA A 273 -14.15 -16.19 6.95
N ILE A 274 -13.82 -15.59 8.09
CA ILE A 274 -14.60 -14.53 8.71
C ILE A 274 -14.82 -13.36 7.76
N ALA A 275 -13.77 -12.97 7.05
CA ALA A 275 -13.83 -11.82 6.12
C ALA A 275 -14.37 -12.20 4.74
N GLY A 276 -14.87 -13.43 4.59
CA GLY A 276 -15.62 -13.82 3.41
C GLY A 276 -14.78 -14.46 2.30
N TYR A 277 -13.48 -14.61 2.54
CA TYR A 277 -12.59 -15.26 1.58
C TYR A 277 -12.98 -16.72 1.43
N ASN A 278 -13.04 -17.18 0.20
CA ASN A 278 -13.30 -18.57 -0.12
C ASN A 278 -12.02 -19.38 0.23
N VAL A 279 -11.98 -19.88 1.46
CA VAL A 279 -10.85 -20.62 1.98
C VAL A 279 -11.05 -22.06 2.35
N THR A 280 -10.33 -22.95 1.70
CA THR A 280 -10.41 -24.36 1.97
C THR A 280 -9.27 -24.75 2.88
N GLY A 281 -9.05 -26.05 3.01
CA GLY A 281 -7.94 -26.56 3.78
C GLY A 281 -8.18 -27.03 5.18
N GLU A 282 -7.10 -27.48 5.77
CA GLU A 282 -7.10 -27.94 7.16
C GLU A 282 -5.72 -27.85 7.77
N GLN A 283 -5.65 -28.01 9.09
CA GLN A 283 -4.38 -28.31 9.74
C GLN A 283 -3.94 -29.76 9.49
N THR A 284 -2.63 -29.92 9.44
CA THR A 284 -1.95 -31.10 8.94
C THR A 284 -1.22 -31.73 10.13
N PHE A 285 -0.87 -33.00 10.06
CA PHE A 285 -0.02 -33.62 11.12
C PHE A 285 1.51 -33.65 10.85
N TYR A 286 1.94 -32.72 10.00
CA TYR A 286 3.29 -32.69 9.43
C TYR A 286 4.02 -31.47 9.95
N GLY A 287 5.32 -31.63 10.19
CA GLY A 287 6.20 -30.51 10.56
C GLY A 287 6.42 -29.57 9.39
N HIS A 288 6.98 -28.40 9.68
CA HIS A 288 7.11 -27.31 8.69
C HIS A 288 7.90 -27.68 7.44
N GLU A 289 8.96 -28.46 7.60
CA GLU A 289 9.88 -28.77 6.49
C GLU A 289 9.59 -30.10 5.80
N ALA A 290 8.55 -30.81 6.23
CA ALA A 290 8.26 -32.15 5.70
C ALA A 290 7.47 -32.07 4.39
N SER A 291 8.12 -31.57 3.34
CA SER A 291 7.43 -31.21 2.11
C SER A 291 6.94 -32.44 1.36
N ASN A 292 7.83 -33.43 1.25
CA ASN A 292 7.53 -34.63 0.51
C ASN A 292 6.38 -35.37 1.16
N ARG A 293 6.53 -35.66 2.45
CA ARG A 293 5.49 -36.32 3.25
C ARG A 293 4.13 -35.58 3.10
N LEU A 294 4.16 -34.25 3.15
CA LEU A 294 2.93 -33.44 3.02
C LEU A 294 2.35 -33.50 1.61
N MET A 295 3.20 -33.30 0.61
CA MET A 295 2.74 -33.28 -0.77
C MET A 295 2.13 -34.64 -1.17
N GLY A 296 2.78 -35.73 -0.73
CA GLY A 296 2.23 -37.08 -0.94
C GLY A 296 0.75 -37.17 -0.58
N GLN A 297 0.42 -36.78 0.65
CA GLN A 297 -0.93 -36.90 1.16
C GLN A 297 -1.88 -35.96 0.45
N TYR A 298 -1.45 -34.71 0.26
CA TYR A 298 -2.35 -33.66 -0.19
C TYR A 298 -2.31 -33.37 -1.70
N ALA A 299 -1.28 -33.85 -2.41
CA ALA A 299 -1.12 -33.56 -3.84
C ALA A 299 -2.43 -33.61 -4.64
N ASP A 300 -3.28 -34.59 -4.31
CA ASP A 300 -4.54 -34.81 -5.02
C ASP A 300 -5.56 -33.72 -4.70
N GLN A 301 -5.75 -33.42 -3.42
CA GLN A 301 -6.63 -32.31 -3.02
C GLN A 301 -6.21 -30.99 -3.67
N ILE A 302 -4.90 -30.75 -3.71
CA ILE A 302 -4.35 -29.50 -4.25
C ILE A 302 -4.82 -29.27 -5.69
N VAL A 303 -4.71 -30.28 -6.52
CA VAL A 303 -5.12 -30.14 -7.89
C VAL A 303 -6.61 -30.08 -8.02
N SER A 304 -7.31 -30.19 -6.90
CA SER A 304 -8.76 -30.15 -6.95
C SER A 304 -9.30 -28.76 -6.69
N GLY A 305 -8.38 -27.81 -6.55
CA GLY A 305 -8.65 -26.41 -6.41
C GLY A 305 -7.79 -25.75 -7.48
N LEU A 306 -7.75 -26.37 -8.65
CA LEU A 306 -7.02 -25.92 -9.83
C LEU A 306 -8.00 -26.01 -10.96
N PHE A 307 -8.76 -27.10 -10.97
CA PHE A 307 -9.80 -27.35 -11.96
C PHE A 307 -9.32 -27.14 -13.39
N VAL B 14 13.01 32.60 3.16
CA VAL B 14 11.65 32.67 2.53
C VAL B 14 10.53 32.63 3.61
N ALA B 15 10.14 33.80 4.13
CA ALA B 15 9.17 33.91 5.28
C ALA B 15 7.91 34.73 4.91
N ILE B 16 6.70 34.21 5.23
CA ILE B 16 5.48 34.71 4.48
C ILE B 16 4.13 35.16 5.18
N GLU B 17 4.09 35.19 6.43
CA GLU B 17 2.94 35.70 7.22
C GLU B 17 2.34 37.12 7.65
N ASN B 18 1.87 37.96 6.77
CA ASN B 18 1.04 39.10 7.21
C ASN B 18 0.63 39.82 5.93
N ASP B 19 -0.20 40.87 6.01
CA ASP B 19 -1.44 40.89 6.78
C ASP B 19 -2.59 41.54 6.02
N GLY B 20 -3.83 41.22 6.41
CA GLY B 20 -4.63 42.18 7.12
C GLY B 20 -4.82 43.55 6.50
N THR B 21 -5.43 43.68 5.33
CA THR B 21 -6.81 44.19 5.40
C THR B 21 -7.80 44.23 4.24
N PRO B 22 -9.11 44.33 4.69
CA PRO B 22 -9.68 43.03 5.02
C PRO B 22 -10.00 42.28 3.75
N PRO B 23 -10.68 43.04 2.84
CA PRO B 23 -11.93 42.39 2.44
C PRO B 23 -11.59 41.24 1.51
N ARG B 24 -12.53 40.34 1.26
CA ARG B 24 -12.22 39.13 0.54
C ARG B 24 -12.45 39.29 -0.94
N ASP B 25 -11.42 39.01 -1.72
CA ASP B 25 -11.45 39.24 -3.18
C ASP B 25 -11.72 37.95 -3.98
N LYS B 26 -12.85 37.95 -4.69
CA LYS B 26 -13.26 36.83 -5.51
C LYS B 26 -13.09 37.12 -7.00
N GLU B 27 -12.61 36.12 -7.74
CA GLU B 27 -12.39 36.22 -9.18
C GLU B 27 -13.20 35.11 -9.86
N SER B 28 -13.86 35.44 -10.97
CA SER B 28 -14.80 34.50 -11.65
C SER B 28 -15.21 34.74 -13.10
N LEU B 29 -15.14 33.68 -13.91
CA LEU B 29 -15.27 33.79 -15.37
C LEU B 29 -16.24 32.71 -15.93
N SER B 30 -16.09 32.42 -17.23
CA SER B 30 -17.13 31.98 -18.21
C SER B 30 -18.33 31.11 -17.87
N PRO B 31 -19.56 31.63 -18.11
CA PRO B 31 -20.76 31.30 -17.31
C PRO B 31 -20.91 29.83 -16.96
N LEU B 32 -20.67 28.97 -17.93
CA LEU B 32 -20.78 27.56 -17.77
C LEU B 32 -19.80 27.08 -16.71
N THR B 33 -18.56 27.55 -16.82
CA THR B 33 -17.52 27.32 -15.83
C THR B 33 -17.93 27.76 -14.41
N ARG B 34 -18.69 28.85 -14.29
CA ARG B 34 -19.20 29.29 -12.98
C ARG B 34 -19.95 28.17 -12.30
N PHE B 35 -20.95 27.63 -13.00
CA PHE B 35 -21.87 26.66 -12.40
C PHE B 35 -21.18 25.34 -12.10
N LEU B 36 -20.28 24.95 -13.01
CA LEU B 36 -19.42 23.80 -12.78
C LEU B 36 -18.65 23.95 -11.46
N ASN B 37 -17.86 25.01 -11.36
CA ASN B 37 -17.13 25.31 -10.14
C ASN B 37 -18.03 25.38 -8.94
N ASN B 38 -19.16 26.07 -9.10
CA ASN B 38 -20.18 26.17 -8.04
C ASN B 38 -20.48 24.80 -7.47
N GLU B 39 -20.55 23.79 -8.33
CA GLU B 39 -20.79 22.43 -7.90
C GLU B 39 -19.51 21.73 -7.41
N LEU B 40 -18.44 21.72 -8.21
CA LEU B 40 -17.17 21.03 -7.86
C LEU B 40 -16.51 21.54 -6.57
N TYR B 41 -16.45 22.85 -6.43
CA TYR B 41 -15.82 23.45 -5.26
C TYR B 41 -16.85 23.85 -4.21
N GLY B 42 -18.10 23.99 -4.64
CA GLY B 42 -19.15 24.58 -3.80
C GLY B 42 -19.37 26.05 -4.13
N GLU B 43 -20.54 26.56 -3.75
CA GLU B 43 -20.93 27.93 -4.07
C GLU B 43 -20.12 28.95 -3.27
N LYS B 44 -19.86 30.09 -3.88
CA LYS B 44 -19.09 31.16 -3.25
C LYS B 44 -19.52 31.40 -1.80
N ASP B 45 -20.83 31.45 -1.58
CA ASP B 45 -21.38 31.72 -0.24
C ASP B 45 -21.04 30.62 0.77
N ALA B 46 -21.24 29.38 0.37
CA ALA B 46 -20.95 28.20 1.22
C ALA B 46 -19.46 28.11 1.58
N ARG B 47 -18.60 28.41 0.60
CA ARG B 47 -17.15 28.28 0.78
C ARG B 47 -16.66 29.26 1.82
N ARG B 48 -17.15 30.48 1.73
CA ARG B 48 -16.76 31.56 2.62
C ARG B 48 -17.37 31.34 4.01
N LYS B 49 -18.61 30.83 4.03
CA LYS B 49 -19.42 30.90 5.24
C LYS B 49 -18.71 30.30 6.40
N ILE B 50 -18.59 31.12 7.44
CA ILE B 50 -18.30 30.66 8.77
C ILE B 50 -19.59 30.74 9.59
N GLY B 51 -19.85 29.71 10.39
CA GLY B 51 -20.99 29.71 11.31
C GLY B 51 -20.66 30.50 12.56
N GLU B 52 -21.62 31.23 13.10
CA GLU B 52 -21.36 32.12 14.24
C GLU B 52 -20.78 31.34 15.42
N ILE B 53 -21.23 30.10 15.59
CA ILE B 53 -20.86 29.26 16.75
C ILE B 53 -19.37 28.91 16.69
N THR B 54 -18.83 28.86 15.48
CA THR B 54 -17.42 28.56 15.28
C THR B 54 -16.45 29.72 15.55
N GLN B 55 -16.66 30.87 14.91
CA GLN B 55 -15.66 31.98 15.03
C GLN B 55 -15.61 32.52 16.45
N THR B 56 -16.79 32.63 17.03
CA THR B 56 -16.96 32.89 18.46
C THR B 56 -16.10 31.93 19.33
N LEU B 57 -16.25 30.64 19.10
CA LEU B 57 -15.45 29.62 19.76
C LEU B 57 -13.96 29.70 19.37
N LEU B 58 -13.69 30.25 18.19
CA LEU B 58 -12.31 30.54 17.76
C LEU B 58 -11.73 31.81 18.42
N ASP B 59 -12.58 32.81 18.65
CA ASP B 59 -12.14 34.04 19.35
C ASP B 59 -11.68 33.69 20.77
N HIS B 60 -12.53 32.90 21.44
CA HIS B 60 -12.21 32.23 22.71
C HIS B 60 -10.83 31.60 22.83
N ALA B 61 -10.39 30.95 21.75
CA ALA B 61 -9.08 30.29 21.71
C ALA B 61 -7.89 31.26 21.59
N VAL B 62 -7.97 32.19 20.64
CA VAL B 62 -6.83 33.08 20.34
C VAL B 62 -6.42 33.97 21.54
N GLU B 63 -7.39 34.42 22.34
CA GLU B 63 -7.08 35.16 23.58
C GLU B 63 -6.56 34.25 24.69
N ASN B 64 -7.30 33.17 24.93
CA ASN B 64 -6.85 32.09 25.81
C ASN B 64 -5.38 31.75 25.53
N GLY B 65 -5.01 31.80 24.26
CA GLY B 65 -3.60 31.77 23.84
C GLY B 65 -3.10 30.37 23.48
N GLU B 66 -4.03 29.53 23.01
CA GLU B 66 -3.69 28.20 22.47
C GLU B 66 -3.88 28.14 20.94
N SER B 67 -4.18 29.29 20.35
CA SER B 67 -4.20 29.47 18.89
C SER B 67 -3.75 30.89 18.50
N GLN B 68 -3.57 31.11 17.21
CA GLN B 68 -3.34 32.45 16.68
C GLN B 68 -4.02 32.60 15.32
N LYS B 69 -4.61 33.76 15.07
CA LYS B 69 -5.18 34.09 13.77
C LYS B 69 -4.03 34.41 12.78
N VAL B 70 -4.19 34.02 11.51
CA VAL B 70 -3.06 33.95 10.57
C VAL B 70 -3.42 34.29 9.12
N THR B 71 -2.46 34.88 8.42
CA THR B 71 -2.56 35.13 6.97
C THR B 71 -1.27 34.72 6.28
N LEU B 72 -1.39 34.24 5.03
CA LEU B 72 -0.23 33.89 4.22
C LEU B 72 -0.22 34.60 2.84
N LYS B 73 0.99 34.86 2.36
CA LYS B 73 1.28 35.36 0.99
C LYS B 73 1.12 34.26 -0.01
N GLY B 74 -0.11 34.13 -0.53
CA GLY B 74 -0.38 33.22 -1.63
C GLY B 74 0.06 33.81 -2.95
N GLU B 75 0.15 32.98 -3.97
CA GLU B 75 0.56 33.45 -5.29
C GLU B 75 -0.55 34.27 -5.96
N ALA B 76 -1.79 34.16 -5.48
CA ALA B 76 -2.92 34.90 -6.06
C ALA B 76 -3.56 35.88 -5.05
N GLY B 77 -2.98 35.97 -3.87
CA GLY B 77 -3.56 36.78 -2.80
C GLY B 77 -3.19 36.27 -1.42
N ARG B 78 -4.08 36.53 -0.45
CA ARG B 78 -3.87 36.11 0.91
C ARG B 78 -4.62 34.82 1.24
N LEU B 79 -4.11 34.10 2.23
CA LEU B 79 -4.70 32.84 2.67
C LEU B 79 -4.98 32.89 4.17
N THR B 80 -6.24 32.77 4.52
CA THR B 80 -6.70 32.93 5.89
C THR B 80 -6.83 31.57 6.63
N GLY B 81 -6.42 31.57 7.89
CA GLY B 81 -6.71 30.46 8.78
C GLY B 81 -6.36 30.80 10.21
N TYR B 82 -6.18 29.76 11.01
CA TYR B 82 -5.65 29.89 12.38
C TYR B 82 -4.58 28.82 12.58
N TYR B 83 -3.61 29.10 13.42
CA TYR B 83 -2.71 28.06 13.93
C TYR B 83 -3.24 27.60 15.29
N HIS B 84 -3.04 26.32 15.62
CA HIS B 84 -3.64 25.69 16.80
C HIS B 84 -2.59 24.86 17.55
N GLN B 85 -2.57 24.94 18.90
CA GLN B 85 -1.53 24.26 19.71
C GLN B 85 -2.10 23.37 20.83
N GLY B 86 -1.30 22.40 21.25
CA GLY B 86 -1.61 21.54 22.40
C GLY B 86 -0.95 22.03 23.67
N LYS B 100 5.53 16.75 15.87
CA LYS B 100 4.82 17.74 16.67
C LYS B 100 3.75 18.61 15.97
N VAL B 101 3.61 18.49 14.63
CA VAL B 101 2.73 19.40 13.86
C VAL B 101 1.93 18.71 12.75
N VAL B 102 0.63 18.99 12.71
CA VAL B 102 -0.26 18.51 11.65
C VAL B 102 -0.70 19.65 10.74
N LEU B 103 -0.23 19.61 9.51
CA LEU B 103 -0.76 20.49 8.47
C LEU B 103 -2.08 19.89 7.96
N PHE B 104 -3.17 20.64 8.13
CA PHE B 104 -4.49 20.18 7.75
C PHE B 104 -4.94 20.91 6.49
N LEU B 105 -5.14 20.15 5.43
CA LEU B 105 -5.75 20.68 4.21
C LEU B 105 -7.22 20.34 4.18
N HIS B 106 -8.05 21.37 4.19
CA HIS B 106 -9.49 21.17 4.08
C HIS B 106 -9.91 20.65 2.71
N GLY B 107 -11.19 20.35 2.58
CA GLY B 107 -11.76 19.87 1.32
C GLY B 107 -12.80 20.83 0.78
N SER B 108 -13.53 20.36 -0.25
CA SER B 108 -14.57 21.15 -0.92
C SER B 108 -15.73 21.56 -0.02
N GLY B 109 -16.54 22.51 -0.52
CA GLY B 109 -17.94 22.69 -0.07
C GLY B 109 -18.21 23.57 1.15
N SER B 110 -17.15 23.97 1.86
CA SER B 110 -17.28 24.68 3.13
C SER B 110 -15.94 25.23 3.60
N SER B 111 -15.96 26.26 4.44
CA SER B 111 -14.74 26.91 4.92
C SER B 111 -13.84 25.98 5.71
N ALA B 112 -12.57 26.35 5.84
CA ALA B 112 -11.62 25.57 6.65
C ALA B 112 -11.94 25.63 8.13
N GLU B 113 -12.49 26.76 8.56
CA GLU B 113 -12.90 26.92 9.96
C GLU B 113 -13.92 25.86 10.35
N GLU B 114 -14.95 25.70 9.53
CA GLU B 114 -15.99 24.68 9.75
C GLU B 114 -15.39 23.29 9.78
N GLN B 115 -14.75 22.91 8.68
CA GLN B 115 -14.28 21.53 8.49
C GLN B 115 -13.31 21.05 9.57
N ALA B 116 -12.54 21.97 10.15
CA ALA B 116 -11.56 21.65 11.19
C ALA B 116 -12.05 21.94 12.62
N SER B 117 -13.23 22.54 12.75
CA SER B 117 -13.75 22.90 14.07
C SER B 117 -13.82 21.65 14.93
N GLU B 118 -14.25 20.56 14.31
CA GLU B 118 -14.47 19.31 15.03
C GLU B 118 -13.24 18.39 15.05
N ILE B 119 -12.25 18.69 14.22
CA ILE B 119 -11.02 17.87 14.14
C ILE B 119 -9.91 18.36 15.08
N ARG B 120 -9.72 19.67 15.19
CA ARG B 120 -8.54 20.20 15.90
C ARG B 120 -8.37 19.56 17.28
N ASN B 121 -9.46 19.56 18.05
CA ASN B 121 -9.48 19.06 19.44
C ASN B 121 -8.69 17.76 19.70
N HIS B 122 -8.86 16.79 18.81
CA HIS B 122 -8.34 15.44 19.02
C HIS B 122 -6.81 15.38 18.91
N TYR B 123 -6.23 16.32 18.15
CA TYR B 123 -4.76 16.49 18.09
C TYR B 123 -4.26 17.27 19.29
N GLN B 124 -4.79 18.49 19.45
CA GLN B 124 -4.33 19.42 20.47
C GLN B 124 -4.21 18.72 21.84
N LYS B 125 -5.19 17.90 22.17
CA LYS B 125 -5.22 17.21 23.45
C LYS B 125 -4.00 16.32 23.67
N GLN B 126 -3.57 15.60 22.64
CA GLN B 126 -2.36 14.77 22.74
C GLN B 126 -1.06 15.57 22.82
N GLY B 127 -1.14 16.87 22.54
CA GLY B 127 0.01 17.78 22.61
C GLY B 127 0.60 18.07 21.24
N ILE B 128 -0.24 17.87 20.22
CA ILE B 128 0.22 17.95 18.83
C ILE B 128 -0.55 19.05 18.09
N ASP B 129 0.20 19.92 17.41
CA ASP B 129 -0.32 21.16 16.85
C ASP B 129 -1.10 20.93 15.57
N MET B 130 -1.75 21.98 15.10
CA MET B 130 -2.48 21.90 13.84
C MET B 130 -2.58 23.26 13.14
N LEU B 131 -2.27 23.26 11.84
CA LEU B 131 -2.43 24.45 10.99
C LEU B 131 -3.70 24.32 10.12
N ALA B 132 -4.67 25.19 10.38
CA ALA B 132 -5.99 25.17 9.71
C ALA B 132 -6.23 26.38 8.82
N VAL B 133 -5.70 26.32 7.60
CA VAL B 133 -5.71 27.45 6.68
C VAL B 133 -6.58 27.18 5.45
N ASN B 134 -7.30 28.21 5.04
CA ASN B 134 -8.13 28.18 3.84
C ASN B 134 -7.33 28.24 2.54
N LEU B 135 -7.86 27.57 1.55
CA LEU B 135 -7.30 27.59 0.23
C LEU B 135 -7.95 28.78 -0.46
N ARG B 136 -7.40 29.17 -1.61
CA ARG B 136 -7.98 30.30 -2.34
C ARG B 136 -9.48 30.11 -2.61
N GLY B 137 -10.28 31.05 -2.13
CA GLY B 137 -11.73 31.08 -2.45
C GLY B 137 -12.59 30.48 -1.35
N TYR B 138 -11.94 30.09 -0.27
CA TYR B 138 -12.61 29.44 0.86
C TYR B 138 -12.36 30.29 2.10
N GLY B 139 -13.38 30.35 2.96
CA GLY B 139 -13.32 31.18 4.16
C GLY B 139 -13.15 32.64 3.83
N GLU B 140 -12.01 33.20 4.23
CA GLU B 140 -11.63 34.58 3.88
C GLU B 140 -10.35 34.82 3.07
N SER B 141 -9.98 33.81 2.28
CA SER B 141 -8.78 33.85 1.45
C SER B 141 -9.14 34.43 0.10
N ASP B 142 -8.18 35.09 -0.55
CA ASP B 142 -8.43 35.68 -1.88
C ASP B 142 -8.31 34.64 -2.95
N GLY B 143 -9.29 34.63 -3.85
CA GLY B 143 -9.14 34.01 -5.16
C GLY B 143 -10.36 33.25 -5.64
N GLY B 144 -10.16 32.49 -6.71
CA GLY B 144 -11.11 31.45 -7.18
C GLY B 144 -10.43 30.08 -7.33
N PRO B 145 -11.14 29.00 -6.97
CA PRO B 145 -10.45 27.71 -6.97
C PRO B 145 -9.95 27.24 -8.33
N SER B 146 -8.84 26.52 -8.30
CA SER B 146 -8.34 25.77 -9.45
C SER B 146 -7.49 24.62 -8.94
N GLU B 147 -7.22 23.65 -9.79
CA GLU B 147 -6.34 22.56 -9.39
C GLU B 147 -4.92 23.06 -9.10
N LYS B 148 -4.30 23.68 -10.10
CA LYS B 148 -2.92 24.14 -9.94
C LYS B 148 -2.83 25.07 -8.74
N GLY B 149 -3.89 25.87 -8.56
CA GLY B 149 -3.93 26.86 -7.50
C GLY B 149 -3.85 26.24 -6.12
N LEU B 150 -4.78 25.32 -5.87
CA LEU B 150 -4.90 24.71 -4.55
C LEU B 150 -3.62 23.93 -4.20
N TYR B 151 -3.00 23.30 -5.19
CA TYR B 151 -1.71 22.64 -4.95
C TYR B 151 -0.69 23.67 -4.49
N GLN B 152 -0.67 24.83 -5.14
CA GLN B 152 0.27 25.90 -4.77
C GLN B 152 0.02 26.47 -3.35
N ASP B 153 -1.22 26.81 -3.04
CA ASP B 153 -1.51 27.32 -1.71
C ASP B 153 -1.20 26.28 -0.65
N ALA B 154 -1.26 25.00 -1.02
CA ALA B 154 -0.78 23.94 -0.12
C ALA B 154 0.69 24.16 0.25
N ARG B 155 1.53 24.32 -0.78
CA ARG B 155 2.95 24.56 -0.59
C ARG B 155 3.22 25.80 0.24
N THR B 156 2.41 26.84 0.05
CA THR B 156 2.53 28.05 0.86
C THR B 156 2.42 27.66 2.33
N MET B 157 1.32 26.98 2.69
CA MET B 157 1.05 26.56 4.09
C MET B 157 2.21 25.78 4.67
N PHE B 158 2.71 24.84 3.88
CA PHE B 158 3.89 24.07 4.26
C PHE B 158 5.02 25.03 4.57
N ASN B 159 5.41 25.84 3.58
CA ASN B 159 6.47 26.82 3.77
C ASN B 159 6.23 27.66 5.03
N TYR B 160 4.99 28.02 5.31
CA TYR B 160 4.71 28.78 6.53
C TYR B 160 5.22 28.04 7.77
N LEU B 161 4.86 26.78 7.89
CA LEU B 161 5.30 25.98 9.04
C LEU B 161 6.81 25.86 9.01
N VAL B 162 7.32 25.36 7.89
CA VAL B 162 8.70 24.90 7.78
C VAL B 162 9.71 26.06 7.83
N ASN B 163 9.31 27.23 7.33
CA ASN B 163 10.16 28.43 7.36
C ASN B 163 9.95 29.47 8.47
N ASP B 164 8.72 29.97 8.62
CA ASP B 164 8.48 31.04 9.60
C ASP B 164 8.52 30.50 11.01
N LYS B 165 7.82 29.41 11.24
CA LYS B 165 7.91 28.72 12.51
C LYS B 165 9.16 27.83 12.58
N GLY B 166 9.75 27.57 11.42
CA GLY B 166 11.12 27.00 11.33
C GLY B 166 11.22 25.50 11.51
N ILE B 167 10.10 24.79 11.37
CA ILE B 167 9.96 23.45 11.92
C ILE B 167 10.58 22.39 11.01
N ASP B 168 11.13 21.35 11.63
CA ASP B 168 11.66 20.18 10.94
C ASP B 168 10.55 19.56 10.09
N PRO B 169 10.78 19.38 8.77
CA PRO B 169 9.76 18.77 7.92
C PRO B 169 9.50 17.29 8.22
N SER B 170 10.47 16.63 8.86
CA SER B 170 10.26 15.29 9.40
C SER B 170 9.50 15.31 10.74
N ASN B 171 9.10 16.50 11.19
CA ASN B 171 8.14 16.65 12.30
C ASN B 171 6.80 17.23 11.85
N ILE B 172 6.44 17.00 10.60
CA ILE B 172 5.16 17.45 10.07
C ILE B 172 4.33 16.28 9.55
N ILE B 173 3.04 16.30 9.85
CA ILE B 173 2.05 15.42 9.24
C ILE B 173 1.22 16.22 8.22
N ILE B 174 0.74 15.55 7.19
CA ILE B 174 -0.21 16.16 6.24
C ILE B 174 -1.55 15.41 6.29
N HIS B 175 -2.49 15.98 7.04
CA HIS B 175 -3.85 15.43 7.11
C HIS B 175 -4.68 16.16 6.07
N GLY B 176 -5.09 15.44 5.03
CA GLY B 176 -5.87 15.99 3.92
C GLY B 176 -7.22 15.33 3.82
N TYR B 177 -8.27 16.08 4.16
CA TYR B 177 -9.62 15.55 4.21
C TYR B 177 -10.23 15.75 2.83
N SER B 178 -11.02 14.79 2.39
CA SER B 178 -11.85 14.90 1.15
C SER B 178 -11.02 15.29 -0.07
N MET B 179 -11.37 16.37 -0.77
CA MET B 179 -10.45 17.02 -1.75
C MET B 179 -9.05 17.33 -1.20
N GLY B 180 -9.00 17.74 0.06
CA GLY B 180 -7.74 17.91 0.79
C GLY B 180 -6.78 16.74 0.64
N GLY B 181 -7.31 15.52 0.58
CA GLY B 181 -6.50 14.31 0.39
C GLY B 181 -5.60 14.34 -0.83
N PRO B 182 -6.17 14.50 -2.03
CA PRO B 182 -5.31 14.53 -3.22
C PRO B 182 -4.35 15.72 -3.26
N ILE B 183 -4.71 16.81 -2.60
CA ILE B 183 -3.84 17.96 -2.51
C ILE B 183 -2.71 17.65 -1.52
N ALA B 184 -3.06 16.97 -0.44
CA ALA B 184 -2.09 16.43 0.52
C ALA B 184 -1.11 15.48 -0.14
N ALA B 185 -1.57 14.78 -1.17
CA ALA B 185 -0.72 13.80 -1.85
C ALA B 185 0.36 14.51 -2.65
N ASP B 186 -0.07 15.42 -3.51
CA ASP B 186 0.83 16.32 -4.23
C ASP B 186 1.77 17.07 -3.26
N LEU B 187 1.23 17.61 -2.18
CA LEU B 187 2.06 18.37 -1.27
C LEU B 187 3.19 17.49 -0.80
N ALA B 188 2.82 16.33 -0.28
CA ALA B 188 3.77 15.39 0.33
C ALA B 188 4.92 15.02 -0.58
N ARG B 189 4.62 14.85 -1.86
CA ARG B 189 5.63 14.56 -2.87
C ARG B 189 6.60 15.72 -2.99
N TYR B 190 6.09 16.86 -3.43
CA TYR B 190 6.89 18.06 -3.58
C TYR B 190 7.85 18.33 -2.41
N ALA B 191 7.42 18.01 -1.20
CA ALA B 191 8.27 18.17 -0.02
C ALA B 191 9.49 17.24 -0.08
N ALA B 192 9.23 15.95 -0.19
CA ALA B 192 10.27 14.94 -0.36
C ALA B 192 11.08 15.13 -1.66
N GLN B 193 10.37 15.27 -2.77
CA GLN B 193 11.00 15.51 -4.07
C GLN B 193 11.84 16.81 -4.09
N ASN B 194 11.73 17.61 -3.02
CA ASN B 194 12.42 18.91 -2.91
C ASN B 194 13.28 19.03 -1.63
N GLY B 195 13.59 17.90 -0.99
CA GLY B 195 14.48 17.86 0.18
C GLY B 195 13.84 17.71 1.55
N GLN B 196 12.56 18.11 1.67
CA GLN B 196 11.91 18.31 3.00
C GLN B 196 10.78 17.30 3.34
N ALA B 197 10.97 16.03 2.95
CA ALA B 197 10.01 14.95 3.24
C ALA B 197 9.40 14.94 4.64
N VAL B 198 8.08 14.78 4.69
CA VAL B 198 7.34 14.81 5.94
C VAL B 198 7.33 13.45 6.62
N SER B 199 6.96 13.43 7.89
CA SER B 199 6.88 12.18 8.64
C SER B 199 5.91 11.19 8.00
N GLY B 200 4.65 11.59 7.88
CA GLY B 200 3.63 10.72 7.29
C GLY B 200 2.54 11.50 6.57
N LEU B 201 1.83 10.79 5.70
CA LEU B 201 0.64 11.32 5.06
C LEU B 201 -0.62 10.65 5.64
N LEU B 202 -1.70 11.42 5.69
CA LEU B 202 -3.02 10.89 6.01
C LEU B 202 -4.01 11.27 4.94
N LEU B 203 -4.43 10.29 4.16
CA LEU B 203 -5.57 10.43 3.27
C LEU B 203 -6.86 10.17 4.06
N ASP B 204 -7.50 11.23 4.52
CA ASP B 204 -8.68 11.11 5.38
C ASP B 204 -9.96 11.27 4.57
N ARG B 205 -10.61 10.15 4.28
CA ARG B 205 -11.80 10.12 3.42
C ARG B 205 -11.51 10.82 2.11
N PRO B 206 -10.47 10.40 1.42
CA PRO B 206 -9.97 11.11 0.24
C PRO B 206 -10.94 11.08 -0.93
N MET B 207 -10.86 12.14 -1.73
CA MET B 207 -11.32 12.13 -3.12
C MET B 207 -10.28 11.33 -3.91
N PRO B 208 -10.64 10.13 -4.38
CA PRO B 208 -9.62 9.35 -5.06
C PRO B 208 -9.16 10.07 -6.29
N SER B 209 -10.12 10.49 -7.10
CA SER B 209 -9.91 11.34 -8.27
C SER B 209 -11.18 12.15 -8.40
N MET B 210 -11.04 13.42 -8.77
CA MET B 210 -12.22 14.26 -9.00
C MET B 210 -13.29 13.55 -9.84
N THR B 211 -12.84 12.81 -10.86
CA THR B 211 -13.74 12.07 -11.71
C THR B 211 -14.63 11.11 -10.92
N LYS B 212 -14.01 10.34 -10.05
CA LYS B 212 -14.74 9.34 -9.27
C LYS B 212 -15.58 9.99 -8.15
N ALA B 213 -15.17 11.16 -7.67
CA ALA B 213 -15.98 11.92 -6.73
C ALA B 213 -17.31 12.26 -7.38
N ILE B 214 -17.23 12.78 -8.60
CA ILE B 214 -18.41 13.12 -9.35
C ILE B 214 -19.31 11.91 -9.60
N THR B 215 -18.74 10.78 -10.03
CA THR B 215 -19.58 9.61 -10.39
C THR B 215 -20.13 8.94 -9.14
N ALA B 216 -19.44 9.11 -8.03
CA ALA B 216 -19.96 8.65 -6.75
C ALA B 216 -21.24 9.37 -6.39
N HIS B 217 -21.30 10.67 -6.67
CA HIS B 217 -22.46 11.51 -6.29
C HIS B 217 -23.63 11.48 -7.27
N GLU B 218 -23.44 10.82 -8.41
CA GLU B 218 -24.55 10.52 -9.32
C GLU B 218 -25.06 9.10 -9.12
N VAL B 219 -26.09 8.74 -9.90
CA VAL B 219 -26.69 7.40 -9.92
C VAL B 219 -25.78 6.40 -10.62
N ALA B 220 -26.18 5.12 -10.57
CA ALA B 220 -25.38 4.00 -11.10
C ALA B 220 -25.17 4.04 -12.63
N ASN B 221 -26.26 4.01 -13.38
CA ASN B 221 -26.23 4.19 -14.82
C ASN B 221 -26.82 5.57 -15.13
N PRO B 222 -25.98 6.63 -15.05
CA PRO B 222 -26.52 7.98 -15.12
C PRO B 222 -26.62 8.46 -16.56
N ALA B 223 -26.98 9.73 -16.74
CA ALA B 223 -27.06 10.35 -18.06
C ALA B 223 -25.71 10.34 -18.80
N GLY B 224 -25.77 10.51 -20.12
CA GLY B 224 -24.58 10.66 -20.95
C GLY B 224 -23.76 11.89 -20.60
N ILE B 225 -24.40 12.86 -19.96
CA ILE B 225 -23.77 14.15 -19.64
C ILE B 225 -22.84 14.00 -18.44
N VAL B 226 -23.22 13.16 -17.48
CA VAL B 226 -22.32 12.81 -16.38
C VAL B 226 -21.05 12.13 -16.90
N GLY B 227 -21.22 11.23 -17.84
CA GLY B 227 -20.09 10.64 -18.56
C GLY B 227 -19.16 11.71 -19.09
N ALA B 228 -19.69 12.59 -19.92
CA ALA B 228 -18.91 13.61 -20.58
C ALA B 228 -18.05 14.36 -19.57
N ILE B 229 -18.65 14.73 -18.45
CA ILE B 229 -17.97 15.56 -17.44
C ILE B 229 -16.93 14.75 -16.65
N ALA B 230 -17.33 13.56 -16.19
CA ALA B 230 -16.41 12.67 -15.48
C ALA B 230 -15.17 12.39 -16.34
N LYS B 231 -15.42 11.96 -17.57
CA LYS B 231 -14.38 11.80 -18.59
C LYS B 231 -13.59 13.09 -18.82
N ALA B 232 -14.28 14.21 -18.92
CA ALA B 232 -13.64 15.50 -19.23
C ALA B 232 -12.67 16.00 -18.15
N VAL B 233 -12.89 15.56 -16.91
CA VAL B 233 -12.06 16.01 -15.81
C VAL B 233 -11.08 14.90 -15.37
N ASN B 234 -10.94 13.89 -16.23
CA ASN B 234 -9.96 12.83 -16.06
C ASN B 234 -8.61 13.39 -15.70
N GLY B 235 -7.96 12.76 -14.72
CA GLY B 235 -6.60 13.12 -14.33
C GLY B 235 -6.52 14.22 -13.31
N GLN B 236 -7.65 14.88 -13.05
CA GLN B 236 -7.69 16.05 -12.21
C GLN B 236 -7.92 15.57 -10.77
N PHE B 237 -7.10 16.08 -9.86
CA PHE B 237 -7.22 15.82 -8.41
C PHE B 237 -7.06 14.33 -8.01
N SER B 238 -6.20 13.59 -8.72
CA SER B 238 -6.03 12.16 -8.47
C SER B 238 -4.93 11.86 -7.47
N VAL B 239 -5.21 10.97 -6.52
CA VAL B 239 -4.25 10.56 -5.48
C VAL B 239 -3.13 9.69 -6.06
N GLU B 240 -3.50 8.75 -6.93
CA GLU B 240 -2.51 7.90 -7.59
C GLU B 240 -1.55 8.76 -8.41
N LYS B 241 -2.10 9.70 -9.16
CA LYS B 241 -1.27 10.55 -10.02
C LYS B 241 -0.39 11.51 -9.20
N ASN B 242 -0.94 12.01 -8.09
CA ASN B 242 -0.22 12.98 -7.24
C ASN B 242 0.84 12.32 -6.33
N LEU B 243 0.83 10.99 -6.21
CA LEU B 243 1.81 10.27 -5.38
C LEU B 243 3.03 9.75 -6.18
N LYS B 244 2.93 9.71 -7.51
CA LYS B 244 4.07 9.34 -8.36
C LYS B 244 5.29 10.21 -8.04
N GLY B 245 6.37 9.56 -7.65
CA GLY B 245 7.62 10.24 -7.36
C GLY B 245 7.86 10.36 -5.88
N LEU B 246 6.82 10.14 -5.08
CA LEU B 246 7.01 9.96 -3.66
C LEU B 246 7.81 8.67 -3.47
N PRO B 247 8.92 8.74 -2.70
CA PRO B 247 9.49 7.51 -2.18
C PRO B 247 8.42 6.66 -1.50
N LYS B 248 8.27 5.42 -1.97
CA LYS B 248 7.14 4.55 -1.56
C LYS B 248 7.23 4.12 -0.10
N GLU B 249 8.35 4.42 0.53
CA GLU B 249 8.55 4.11 1.94
C GLU B 249 7.70 4.98 2.85
N THR B 250 7.44 6.23 2.45
CA THR B 250 6.73 7.18 3.34
C THR B 250 5.39 6.58 3.77
N PRO B 251 5.12 6.63 5.08
CA PRO B 251 3.88 6.07 5.60
C PRO B 251 2.68 6.89 5.16
N ILE B 252 1.78 6.26 4.42
CA ILE B 252 0.49 6.85 4.06
C ILE B 252 -0.60 6.12 4.85
N LEU B 253 -1.29 6.86 5.72
CA LEU B 253 -2.46 6.32 6.40
C LEU B 253 -3.75 6.71 5.66
N LEU B 254 -4.45 5.71 5.11
CA LEU B 254 -5.70 5.94 4.42
C LEU B 254 -6.87 5.49 5.27
N LEU B 255 -7.78 6.41 5.55
CA LEU B 255 -9.05 6.08 6.20
C LEU B 255 -10.22 6.51 5.34
N THR B 256 -11.15 5.61 5.08
CA THR B 256 -12.21 5.89 4.12
C THR B 256 -13.58 5.78 4.77
N ASP B 257 -14.55 6.49 4.21
CA ASP B 257 -15.90 6.52 4.75
C ASP B 257 -16.70 5.28 4.32
N ASN B 258 -17.90 5.12 4.86
CA ASN B 258 -18.77 3.97 4.54
C ASN B 258 -19.77 4.25 3.40
N GLU B 259 -19.79 5.47 2.91
CA GLU B 259 -20.65 5.83 1.79
C GLU B 259 -19.82 5.67 0.51
N GLY B 260 -20.43 5.92 -0.65
CA GLY B 260 -19.90 5.51 -1.96
C GLY B 260 -18.48 5.93 -2.24
N LEU B 261 -18.09 7.12 -1.78
CA LEU B 261 -16.71 7.58 -1.93
C LEU B 261 -15.74 6.71 -1.17
N GLY B 262 -16.19 6.22 -0.01
CA GLY B 262 -15.42 5.28 0.78
C GLY B 262 -15.17 3.96 0.09
N GLU B 263 -16.15 3.46 -0.66
CA GLU B 263 -15.96 2.22 -1.42
C GLU B 263 -15.00 2.44 -2.59
N GLU B 264 -14.96 3.67 -3.10
CA GLU B 264 -13.96 4.03 -4.11
C GLU B 264 -12.56 4.21 -3.49
N GLY B 265 -12.54 4.68 -2.25
CA GLY B 265 -11.29 4.75 -1.47
C GLY B 265 -10.58 3.40 -1.42
N GLU B 266 -11.35 2.33 -1.30
CA GLU B 266 -10.78 1.00 -1.19
C GLU B 266 -10.29 0.44 -2.51
N LYS B 267 -10.86 0.88 -3.63
CA LYS B 267 -10.30 0.53 -4.95
C LYS B 267 -8.92 1.17 -5.04
N LEU B 268 -8.79 2.36 -4.44
CA LEU B 268 -7.52 3.08 -4.39
C LEU B 268 -6.48 2.38 -3.50
N ARG B 269 -6.89 1.97 -2.31
CA ARG B 269 -5.99 1.24 -1.38
C ARG B 269 -5.41 -0.05 -2.00
N ALA B 270 -6.22 -0.77 -2.76
CA ALA B 270 -5.71 -1.87 -3.53
C ALA B 270 -4.63 -1.33 -4.45
N LYS B 271 -4.99 -0.34 -5.26
CA LYS B 271 -4.10 0.16 -6.30
C LYS B 271 -2.76 0.61 -5.72
N LEU B 272 -2.82 1.35 -4.61
CA LEU B 272 -1.63 1.80 -3.89
C LEU B 272 -0.83 0.66 -3.18
N ALA B 273 -1.52 -0.39 -2.74
CA ALA B 273 -0.83 -1.58 -2.20
C ALA B 273 -0.02 -2.31 -3.28
N ILE B 274 -0.73 -2.71 -4.35
CA ILE B 274 -0.13 -3.34 -5.54
C ILE B 274 1.08 -2.56 -6.05
N ALA B 275 0.99 -1.23 -5.94
CA ALA B 275 2.03 -0.33 -6.41
C ALA B 275 3.28 -0.40 -5.55
N GLY B 276 3.11 -0.64 -4.26
CA GLY B 276 4.22 -0.72 -3.34
C GLY B 276 4.23 0.33 -2.23
N TYR B 277 3.20 1.17 -2.17
CA TYR B 277 3.20 2.24 -1.17
C TYR B 277 3.02 1.64 0.20
N ASN B 278 3.79 2.13 1.17
CA ASN B 278 3.59 1.74 2.56
C ASN B 278 2.30 2.40 2.99
N VAL B 279 1.20 1.68 2.90
CA VAL B 279 -0.06 2.26 3.25
C VAL B 279 -0.83 1.40 4.19
N THR B 280 -1.13 1.96 5.34
CA THR B 280 -1.89 1.23 6.31
C THR B 280 -3.26 1.84 6.45
N GLY B 281 -4.06 1.30 7.35
CA GLY B 281 -5.39 1.83 7.55
C GLY B 281 -6.48 0.90 7.09
N GLU B 282 -7.72 1.30 7.34
CA GLU B 282 -8.86 0.47 6.98
C GLU B 282 -10.06 1.34 6.62
N GLN B 283 -11.14 0.70 6.17
CA GLN B 283 -12.44 1.37 5.98
C GLN B 283 -13.13 1.57 7.32
N THR B 284 -13.97 2.58 7.36
CA THR B 284 -14.50 3.13 8.59
C THR B 284 -16.02 2.92 8.57
N PHE B 285 -16.62 2.70 9.74
CA PHE B 285 -18.07 2.52 9.84
C PHE B 285 -18.78 3.88 9.87
N TYR B 286 -17.99 4.96 10.01
CA TYR B 286 -18.46 6.35 9.94
C TYR B 286 -18.58 6.89 8.53
N GLY B 287 -19.65 7.65 8.30
CA GLY B 287 -19.94 8.26 6.99
C GLY B 287 -19.15 9.52 6.77
N HIS B 288 -19.41 10.20 5.66
CA HIS B 288 -18.39 11.06 5.07
C HIS B 288 -18.03 12.27 5.91
N GLU B 289 -18.95 12.69 6.75
CA GLU B 289 -18.80 13.96 7.45
C GLU B 289 -18.79 13.72 8.94
N ALA B 290 -18.41 12.51 9.31
CA ALA B 290 -18.47 12.01 10.68
C ALA B 290 -17.06 12.29 11.15
N SER B 291 -16.84 13.52 11.58
CA SER B 291 -15.46 13.91 11.81
C SER B 291 -15.06 13.76 13.28
N ASN B 292 -15.93 14.20 14.19
CA ASN B 292 -15.65 14.07 15.63
C ASN B 292 -15.48 12.59 16.01
N ARG B 293 -16.28 11.73 15.38
CA ARG B 293 -16.27 10.31 15.65
C ARG B 293 -15.02 9.66 15.07
N LEU B 294 -14.77 9.90 13.78
CA LEU B 294 -13.63 9.30 13.07
C LEU B 294 -12.33 9.61 13.78
N MET B 295 -12.15 10.86 14.19
CA MET B 295 -10.98 11.24 14.99
C MET B 295 -11.02 10.58 16.38
N GLY B 296 -12.20 10.62 17.02
CA GLY B 296 -12.43 9.92 18.29
C GLY B 296 -11.90 8.50 18.31
N GLN B 297 -12.28 7.71 17.30
CA GLN B 297 -11.85 6.31 17.20
C GLN B 297 -10.39 6.14 16.76
N TYR B 298 -9.96 6.94 15.77
CA TYR B 298 -8.68 6.69 15.10
C TYR B 298 -7.57 7.66 15.48
N ALA B 299 -7.84 8.62 16.37
CA ALA B 299 -6.86 9.66 16.72
C ALA B 299 -5.47 9.07 17.03
N ASP B 300 -5.44 8.00 17.83
CA ASP B 300 -4.18 7.44 18.34
C ASP B 300 -3.38 6.73 17.26
N GLN B 301 -4.07 5.92 16.45
CA GLN B 301 -3.45 5.32 15.27
C GLN B 301 -2.80 6.44 14.41
N ILE B 302 -3.56 7.50 14.14
CA ILE B 302 -3.08 8.64 13.34
C ILE B 302 -1.76 9.23 13.87
N VAL B 303 -1.77 9.67 15.12
CA VAL B 303 -0.57 10.29 15.73
C VAL B 303 0.58 9.29 15.81
N SER B 304 0.29 7.99 15.71
CA SER B 304 1.35 6.96 15.58
C SER B 304 1.80 6.63 14.12
N GLY B 305 1.50 7.51 13.16
CA GLY B 305 2.22 7.55 11.88
C GLY B 305 3.16 8.76 11.82
N LEU B 306 3.63 9.20 13.00
CA LEU B 306 4.72 10.19 13.10
C LEU B 306 6.10 9.50 13.09
#